data_3DS7
#
_entry.id   3DS7
#
_cell.length_a   35.139
_cell.length_b   41.830
_cell.length_c   64.810
_cell.angle_alpha   86.55
_cell.angle_beta   81.16
_cell.angle_gamma   89.64
#
_symmetry.space_group_name_H-M   'P 1'
#
loop_
_entity.id
_entity.type
_entity.pdbx_description
1 polymer 67-MER
2 non-polymer 'ACETATE ION'
3 non-polymer 'COBALT HEXAMMINE(III)'
4 non-polymer "2'-DEOXY-GUANOSINE"
5 water water
#
_entity_poly.entity_id   1
_entity_poly.type   'polyribonucleotide'
_entity_poly.pdbx_seq_one_letter_code
;GGACAUACAAUCGCGUGGAUAUGGCACGCAAGAUCCCGCCGGGCACCGUAAAUGUCCGACUAUGUCC
;
_entity_poly.pdbx_strand_id   A,B
#
loop_
_chem_comp.id
_chem_comp.type
_chem_comp.name
_chem_comp.formula
A RNA linking ADENOSINE-5'-MONOPHOSPHATE 'C10 H14 N5 O7 P'
ACT non-polymer 'ACETATE ION' 'C2 H3 O2 -1'
C RNA linking CYTIDINE-5'-MONOPHOSPHATE 'C9 H14 N3 O8 P'
G RNA linking GUANOSINE-5'-MONOPHOSPHATE 'C10 H14 N5 O8 P'
GNG non-polymer 2'-DEOXY-GUANOSINE 'C10 H13 N5 O4'
NCO non-polymer 'COBALT HEXAMMINE(III)' 'Co H18 N6 3'
U RNA linking URIDINE-5'-MONOPHOSPHATE 'C9 H13 N2 O9 P'
#
# COMPACT_ATOMS: atom_id res chain seq x y z
C ACT C . 0.26 -1.21 12.77
O ACT C . 0.61 -0.28 11.96
OXT ACT C . -0.02 -2.44 12.44
CH3 ACT C . 0.25 -0.84 14.32
CO NCO D . -3.92 -3.51 22.18
N1 NCO D . -4.29 -5.37 23.17
N2 NCO D . -5.55 -2.84 22.84
N3 NCO D . -3.00 -2.80 23.78
N4 NCO D . -4.96 -4.18 20.59
N5 NCO D . -3.60 -1.72 21.16
N6 NCO D . -2.10 -4.19 21.51
CO NCO E . -0.89 7.66 4.79
N1 NCO E . -1.13 6.07 6.02
N2 NCO E . -1.86 6.72 3.41
N3 NCO E . -2.57 8.48 5.44
N4 NCO E . 0.70 6.88 4.01
N5 NCO E . -0.60 9.29 3.61
N6 NCO E . 0.10 8.63 6.27
CO NCO F . -2.70 8.33 14.18
N1 NCO F . -4.00 8.15 15.88
N2 NCO F . -3.87 6.99 13.20
N3 NCO F . -3.77 9.78 13.57
N4 NCO F . -1.66 6.89 14.70
N5 NCO F . -1.54 8.46 12.53
N6 NCO F . -1.48 9.68 15.14
CO NCO G . -2.15 -8.15 13.20
N1 NCO G . -1.40 -9.99 13.40
N2 NCO G . -3.89 -8.99 12.38
N3 NCO G . -2.89 -8.19 15.17
N4 NCO G . -1.34 -8.00 11.20
N5 NCO G . -2.88 -6.35 13.04
N6 NCO G . -0.41 -7.36 14.00
CO NCO H . 17.45 11.73 6.61
N1 NCO H . 15.74 12.77 6.24
N2 NCO H . 16.45 10.08 6.10
N3 NCO H . 18.04 12.02 4.78
N4 NCO H . 16.95 11.32 8.43
N5 NCO H . 19.08 10.76 6.91
N6 NCO H . 18.38 13.44 7.11
O5' GNG I . -27.59 11.20 18.61
C5' GNG I . -27.17 9.94 19.01
C4' GNG I . -27.15 9.02 17.76
O4' GNG I . -25.99 9.27 16.90
C1' GNG I . -24.85 8.43 17.48
N9 GNG I . -23.85 9.37 17.87
C8 GNG I . -23.50 9.84 19.10
N7 GNG I . -22.56 10.76 18.94
C5 GNG I . -22.30 10.89 17.63
C4 GNG I . -23.10 9.98 16.95
N3 GNG I . -23.03 9.87 15.52
C2 GNG I . -22.16 10.66 14.85
N1 GNG I . -21.41 11.56 15.48
C6 GNG I . -21.41 11.74 16.81
O6 GNG I . -20.72 12.66 17.32
N2 GNG I . -21.97 10.49 13.51
C2' GNG I . -25.45 7.59 18.61
C3' GNG I . -26.95 7.55 18.13
O3' GNG I . -27.08 6.74 16.95
C ACT J . -3.86 -5.83 -14.00
O ACT J . -4.05 -6.00 -12.72
OXT ACT J . -4.15 -6.66 -15.00
CH3 ACT J . -3.25 -4.47 -14.43
CO NCO K . 1.14 -0.82 -21.96
N1 NCO K . 1.12 -1.00 -24.11
N2 NCO K . 3.12 -0.65 -22.00
N3 NCO K . 0.98 1.17 -22.12
N4 NCO K . 1.42 -2.83 -21.72
N5 NCO K . 1.22 -0.66 -19.93
N6 NCO K . -0.84 -0.89 -21.91
CO NCO L . -1.43 -8.44 -2.69
N1 NCO L . -1.31 -8.33 -4.76
N2 NCO L . -0.88 -10.30 -2.81
N3 NCO L . 0.43 -7.83 -2.54
N4 NCO L . -3.30 -9.12 -2.71
N5 NCO L . -1.49 -8.47 -0.62
N6 NCO L . -2.01 -6.48 -2.64
CO NCO M . 2.42 -1.24 -7.88
N1 NCO M . 3.73 -0.21 -9.10
N2 NCO M . 2.96 -2.94 -8.82
N3 NCO M . 3.83 -1.45 -6.61
N4 NCO M . 1.00 -1.16 -9.18
N5 NCO M . 1.18 -2.24 -6.64
N6 NCO M . 1.93 0.45 -7.03
CO NCO N . -3.89 -9.65 -20.44
N1 NCO N . -5.07 -10.09 -22.08
N2 NCO N . -2.69 -11.25 -20.94
N3 NCO N . -2.82 -8.25 -21.64
N4 NCO N . -5.01 -10.98 -19.29
N5 NCO N . -2.69 -9.23 -19.01
N6 NCO N . -5.03 -8.14 -19.90
CO NCO O . -6.12 -0.29 -3.15
N1 NCO O . -7.48 0.20 -4.51
N2 NCO O . -6.20 -2.21 -3.89
N3 NCO O . -4.63 0.26 -4.46
N4 NCO O . -7.47 -0.91 -1.84
N5 NCO O . -4.78 -0.77 -1.90
N6 NCO O . -6.15 1.60 -2.40
CO NCO P . 5.30 2.59 -20.15
N1 NCO P . 7.01 3.66 -20.11
N2 NCO P . 5.51 2.39 -22.23
N3 NCO P . 6.32 0.85 -19.90
N4 NCO P . 4.16 4.22 -20.46
N5 NCO P . 3.57 1.56 -20.09
N6 NCO P . 5.21 2.79 -18.13
O5' GNG Q . 27.22 -7.76 -11.41
C5' GNG Q . 26.35 -7.78 -12.56
C4' GNG Q . 25.58 -9.13 -12.61
O4' GNG Q . 24.39 -9.11 -11.77
C1' GNG Q . 23.24 -8.75 -12.63
N9 GNG Q . 22.63 -7.55 -12.03
C8 GNG Q . 22.82 -6.26 -12.45
N7 GNG Q . 22.23 -5.44 -11.64
C5 GNG Q . 21.64 -6.18 -10.64
C4 GNG Q . 21.88 -7.54 -10.91
N3 GNG Q . 21.37 -8.52 -10.04
C2 GNG Q . 20.61 -8.11 -8.92
N1 GNG Q . 20.40 -6.81 -8.67
C6 GNG Q . 20.89 -5.83 -9.45
O6 GNG Q . 20.82 -4.64 -9.12
N2 GNG Q . 20.13 -9.04 -8.01
C2' GNG Q . 23.79 -8.52 -14.04
C3' GNG Q . 25.06 -9.44 -14.02
O3' GNG Q . 24.70 -10.82 -14.12
#